data_6XT7
#
_entry.id   6XT7
#
_cell.length_a   29.998
_cell.length_b   92.916
_cell.length_c   50.081
_cell.angle_alpha   90.000
_cell.angle_beta   99.621
_cell.angle_gamma   90.000
#
_symmetry.space_group_name_H-M   'P 1 21 1'
#
loop_
_entity.id
_entity.type
_entity.pdbx_description
1 polymer 'DNA (25-MER)'
2 non-polymer 'MAGNESIUM ION'
3 non-polymer 'POTASSIUM ION'
4 non-polymer SPERMINE
5 water water
#
_entity_poly.entity_id   1
_entity_poly.type   'polydeoxyribonucleotide'
_entity_poly.pdbx_seq_one_letter_code
;(DG)(DT)(DT)(DG)(DG)(DG)(DG)(DT)(DT)(DG)(DG)(DG)(DG)(DT)(DT)(DG)(DG)(DG)(DG)(DT)
(DT)(DG)(DG)(DG)(DG)
;
_entity_poly.pdbx_strand_id   A,B,C,D
#
loop_
_chem_comp.id
_chem_comp.type
_chem_comp.name
_chem_comp.formula
DG DNA linking 2'-DEOXYGUANOSINE-5'-MONOPHOSPHATE 'C10 H14 N5 O7 P'
DT DNA linking THYMIDINE-5'-MONOPHOSPHATE 'C10 H15 N2 O8 P'
K non-polymer 'POTASSIUM ION' 'K 1'
MG non-polymer 'MAGNESIUM ION' 'Mg 2'
SPM non-polymer SPERMINE 'C10 H26 N4'
#
# COMPACT_ATOMS: atom_id res chain seq x y z
MG MG E . -13.59 14.49 2.62
K K F . -29.14 5.94 5.35
K K G . -25.74 6.22 4.52
K K H . -22.52 6.73 3.32
MG MG I . -11.56 3.93 -1.76
MG MG J . -2.41 -0.30 8.81
K K K . 4.74 11.47 -0.67
K K L . 1.24 11.27 -0.18
K K M . -2.24 11.07 -0.13
N1 SPM N . 10.17 13.24 4.92
C2 SPM N . 9.85 12.30 5.97
C3 SPM N . 10.64 11.02 5.73
C4 SPM N . 10.20 9.88 6.63
N5 SPM N . 11.22 8.85 6.71
C6 SPM N . 11.02 7.70 7.59
C7 SPM N . 11.72 6.46 7.04
C8 SPM N . 13.22 6.55 7.23
C9 SPM N . 13.95 5.20 7.23
N10 SPM N . 13.91 4.53 5.94
C11 SPM N . 14.70 3.31 5.81
C12 SPM N . 14.51 2.68 4.44
C13 SPM N . 15.34 1.41 4.28
N14 SPM N . 15.26 0.97 2.91
MG MG O . -11.93 10.98 8.44
K K P . -17.51 29.04 12.57
K K Q . -15.75 27.09 10.24
K K R . -13.83 24.97 8.25
MG MG S . -10.56 3.48 5.40
MG MG T . -21.58 -15.86 2.36
K K U . -5.75 -13.03 -3.43
K K V . -8.01 -10.39 -3.72
K K W . -10.37 -7.78 -3.42
N1 SPM X . 8.86 -13.33 -6.86
C2 SPM X . 8.59 -13.51 -8.27
C3 SPM X . 7.20 -14.13 -8.45
C4 SPM X . 6.86 -14.37 -9.92
N5 SPM X . 5.44 -14.64 -10.13
C6 SPM X . 5.03 -15.21 -11.40
C7 SPM X . 3.53 -15.57 -11.46
C8 SPM X . 2.60 -14.38 -11.31
C9 SPM X . 1.14 -14.70 -11.68
N10 SPM X . 0.50 -15.73 -10.86
C11 SPM X . -0.91 -15.96 -11.09
C12 SPM X . -1.54 -16.77 -9.96
C13 SPM X . -3.02 -17.07 -10.27
N14 SPM X . -3.47 -18.07 -9.32
#